data_9KR2
#
_entry.id   9KR2
#
_cell.length_a   164.739
_cell.length_b   164.739
_cell.length_c   164.739
_cell.angle_alpha   90.000
_cell.angle_beta   90.000
_cell.angle_gamma   90.000
#
_symmetry.space_group_name_H-M   'I 2 3'
#
loop_
_entity.id
_entity.type
_entity.pdbx_description
1 polymer 'SGNH/GDSL hydrolase family protein'
2 non-polymer 'CHLORIDE ION'
3 non-polymer '[(3S,5S,7S,9R,11S,13S)-1,3,7,9,11,13,15-heptakis(oxidanyl)pentadecan-5-yl] ethanoate'
4 non-polymer 'ACETATE ION'
5 non-polymer 'PHOSPHATE ION'
6 water water
#
_entity_poly.entity_id   1
_entity_poly.type   'polypeptide(L)'
_entity_poly.pdbx_seq_one_letter_code
;MGSSHHHHHHSSGLVPRGSHMYASWTASMSDATQVLPGAAPAASQSFNNQTVRHVLRLSLGGNTLRVKVSNLFGKSPITF
TAVRVAKSTGQSNIDVSTDKSVTFNGQASVTLEAGTELVSDAVNLEVAPLTNIAVSMYFSSPTAMPTVHALGVQTAFIGA
GNQTAATSISAAAADQSQSYYGLTALEVSSIQKTNVVVTFGDAITDGYKSTVDASKRYPNQLDDRLKTAGFSRIGVVNQG
ISGNRWLNDFSGPSGTSRFDRDVLNVTGITHAIILLGVNDLGFSAWLAPTQTVTAEQVIAAMTTAIVKAKAKGIKVFVGT
IIPFKGASMGYYYTDAAEAKRQTINTFIRNSKEIDGVIDFADALKNPADPLTINPIYDSGDALHPNDAGYEAMAAAIDLS
KLQ
;
_entity_poly.pdbx_strand_id   A
#
loop_
_chem_comp.id
_chem_comp.type
_chem_comp.name
_chem_comp.formula
A1EGH non-polymer '[(3S,5S,7S,9R,11S,13S)-1,3,7,9,11,13,15-heptakis(oxidanyl)pentadecan-5-yl] ethanoate' 'C17 H34 O9'
ACT non-polymer 'ACETATE ION' 'C2 H3 O2 -1'
CL non-polymer 'CHLORIDE ION' 'Cl -1'
PO4 non-polymer 'PHOSPHATE ION' 'O4 P -3'
#
# COMPACT_ATOMS: atom_id res chain seq x y z
N GLY A 13 -36.21 -1.54 1.00
CA GLY A 13 -36.68 -0.38 1.74
C GLY A 13 -35.52 0.50 2.21
N LEU A 14 -35.70 1.20 3.32
CA LEU A 14 -34.65 2.09 3.82
C LEU A 14 -33.47 1.28 4.34
N VAL A 15 -32.27 1.66 3.95
CA VAL A 15 -31.06 1.01 4.45
C VAL A 15 -30.94 1.30 5.95
N PRO A 16 -30.79 0.28 6.80
CA PRO A 16 -30.60 0.54 8.23
C PRO A 16 -29.50 1.57 8.45
N ARG A 17 -29.76 2.54 9.34
CA ARG A 17 -28.96 3.76 9.41
C ARG A 17 -27.73 3.64 10.32
N GLY A 18 -27.39 2.45 10.80
CA GLY A 18 -26.18 2.30 11.58
C GLY A 18 -24.96 2.57 10.71
N SER A 19 -24.10 3.49 11.14
CA SER A 19 -22.93 3.89 10.38
C SER A 19 -21.71 3.09 10.81
N HIS A 20 -20.79 2.87 9.87
CA HIS A 20 -19.53 2.20 10.17
C HIS A 20 -18.41 2.86 9.40
N MET A 21 -17.19 2.74 9.95
CA MET A 21 -15.98 3.16 9.24
C MET A 21 -15.50 2.06 8.29
N TYR A 22 -14.90 2.48 7.17
CA TYR A 22 -14.28 1.57 6.22
C TYR A 22 -12.97 2.16 5.75
N ALA A 23 -11.94 1.31 5.67
CA ALA A 23 -10.67 1.74 5.09
C ALA A 23 -10.92 2.16 3.65
N SER A 24 -10.54 3.38 3.32
CA SER A 24 -10.77 3.88 1.98
C SER A 24 -9.46 4.14 1.26
N TRP A 25 -8.37 4.32 1.99
CA TRP A 25 -7.01 4.38 1.47
C TRP A 25 -6.08 3.88 2.56
N THR A 26 -5.04 3.15 2.18
CA THR A 26 -4.05 2.68 3.15
C THR A 26 -2.66 2.77 2.52
N ALA A 27 -1.66 2.73 3.39
CA ALA A 27 -0.28 2.55 2.98
C ALA A 27 0.44 1.81 4.09
N SER A 28 1.11 0.72 3.74
CA SER A 28 1.85 -0.05 4.73
C SER A 28 3.12 0.68 5.12
N MET A 29 3.44 0.63 6.41
CA MET A 29 4.59 1.34 6.92
C MET A 29 5.84 0.49 6.87
N SER A 30 6.96 1.15 6.55
CA SER A 30 8.30 0.61 6.60
C SER A 30 9.15 1.45 7.55
N ASP A 31 10.24 0.84 8.00
CA ASP A 31 11.27 1.50 8.80
C ASP A 31 12.36 1.93 7.84
N ALA A 32 12.40 3.24 7.53
CA ALA A 32 13.38 3.75 6.58
C ALA A 32 14.82 3.52 7.01
N THR A 33 15.08 3.32 8.30
CA THR A 33 16.46 3.10 8.74
C THR A 33 16.87 1.63 8.68
N GLN A 34 15.95 0.71 8.40
CA GLN A 34 16.30 -0.70 8.38
C GLN A 34 17.00 -1.07 7.08
N VAL A 35 18.08 -1.84 7.18
CA VAL A 35 18.88 -2.22 6.02
C VAL A 35 19.18 -3.71 6.05
N LEU A 36 19.63 -4.23 4.92
CA LEU A 36 20.01 -5.63 4.81
C LEU A 36 21.23 -5.92 5.68
N PRO A 37 21.39 -7.17 6.12
CA PRO A 37 22.62 -7.55 6.83
C PRO A 37 23.86 -7.16 6.04
N GLY A 38 24.83 -6.61 6.74
CA GLY A 38 26.06 -6.16 6.12
C GLY A 38 25.96 -4.85 5.37
N ALA A 39 24.80 -4.21 5.35
CA ALA A 39 24.68 -2.94 4.65
C ALA A 39 25.02 -1.78 5.58
N ALA A 40 25.37 -0.66 4.97
CA ALA A 40 25.61 0.56 5.73
C ALA A 40 24.31 1.09 6.32
N PRO A 41 24.35 1.72 7.48
CA PRO A 41 23.14 2.33 8.04
C PRO A 41 22.51 3.32 7.07
N ALA A 42 21.19 3.43 7.14
CA ALA A 42 20.44 4.38 6.32
C ALA A 42 19.82 5.45 7.20
N ALA A 43 19.80 6.67 6.70
CA ALA A 43 19.28 7.81 7.45
C ALA A 43 17.77 7.95 7.22
N SER A 44 17.06 8.33 8.28
CA SER A 44 15.66 8.66 8.09
C SER A 44 15.52 10.12 7.70
N GLN A 45 14.40 10.42 7.05
CA GLN A 45 14.02 11.80 6.78
C GLN A 45 13.71 12.51 8.10
N SER A 46 14.05 13.79 8.17
CA SER A 46 13.71 14.63 9.31
C SER A 46 12.87 15.82 8.86
N PHE A 47 12.00 16.29 9.76
CA PHE A 47 11.31 17.55 9.60
C PHE A 47 11.63 18.44 10.80
N ASN A 48 11.70 19.74 10.54
CA ASN A 48 11.95 20.69 11.62
C ASN A 48 11.22 21.98 11.27
N ASN A 49 10.16 22.29 12.01
CA ASN A 49 9.30 23.43 11.71
C ASN A 49 8.89 23.43 10.23
N GLN A 50 8.25 22.33 9.84
CA GLN A 50 7.90 22.11 8.45
C GLN A 50 6.54 21.43 8.36
N THR A 51 5.90 21.64 7.22
CA THR A 51 4.63 21.02 6.87
C THR A 51 4.86 20.09 5.69
N VAL A 52 4.25 18.91 5.74
CA VAL A 52 4.23 18.02 4.58
C VAL A 52 2.79 17.80 4.18
N ARG A 53 2.49 18.03 2.92
CA ARG A 53 1.14 17.86 2.39
C ARG A 53 1.14 16.61 1.53
N HIS A 54 0.43 15.59 1.99
CA HIS A 54 0.25 14.36 1.23
C HIS A 54 -1.02 14.47 0.40
N VAL A 55 -1.06 13.72 -0.71
CA VAL A 55 -2.23 13.61 -1.56
C VAL A 55 -2.56 12.13 -1.73
N LEU A 56 -3.83 11.77 -1.55
CA LEU A 56 -4.21 10.38 -1.68
C LEU A 56 -5.58 10.25 -2.34
N ARG A 57 -5.74 9.18 -3.11
CA ARG A 57 -7.01 8.88 -3.76
C ARG A 57 -7.87 8.01 -2.86
N LEU A 58 -9.09 8.47 -2.58
CA LEU A 58 -10.06 7.71 -1.81
C LEU A 58 -10.73 6.66 -2.69
N SER A 59 -10.83 5.43 -2.17
CA SER A 59 -11.61 4.38 -2.83
C SER A 59 -13.09 4.48 -2.49
N LEU A 60 -13.40 4.80 -1.25
CA LEU A 60 -14.76 4.78 -0.75
C LEU A 60 -15.14 6.18 -0.30
N GLY A 61 -16.33 6.63 -0.72
CA GLY A 61 -16.87 7.88 -0.24
C GLY A 61 -17.65 7.71 1.04
N GLY A 62 -18.22 8.80 1.51
CA GLY A 62 -18.97 8.78 2.75
C GLY A 62 -19.00 10.14 3.39
N ASN A 63 -19.56 10.17 4.60
CA ASN A 63 -19.98 11.40 5.24
C ASN A 63 -18.97 11.99 6.21
N THR A 64 -18.17 11.15 6.84
CA THR A 64 -17.12 11.61 7.75
C THR A 64 -15.89 10.76 7.49
N LEU A 65 -14.73 11.23 7.96
CA LEU A 65 -13.52 10.45 7.78
C LEU A 65 -12.66 10.53 9.03
N ARG A 66 -11.70 9.61 9.10
CA ARG A 66 -10.73 9.54 10.16
C ARG A 66 -9.37 9.28 9.52
N VAL A 67 -8.34 9.82 10.15
CA VAL A 67 -6.97 9.74 9.65
C VAL A 67 -6.17 8.92 10.65
N LYS A 68 -5.48 7.90 10.17
CA LYS A 68 -4.61 7.09 11.02
C LYS A 68 -3.16 7.49 10.81
N VAL A 69 -2.50 7.93 11.87
CA VAL A 69 -1.10 8.33 11.80
C VAL A 69 -0.25 7.32 12.56
N SER A 70 1.06 7.37 12.31
CA SER A 70 1.89 6.27 12.74
C SER A 70 3.27 6.75 13.14
N ASN A 71 3.74 6.25 14.28
CA ASN A 71 5.14 6.32 14.68
C ASN A 71 5.66 4.90 14.93
N LEU A 72 5.13 3.94 14.15
CA LEU A 72 5.36 2.52 14.38
C LEU A 72 6.84 2.19 14.48
N PHE A 73 7.67 2.84 13.66
CA PHE A 73 9.10 2.56 13.63
C PHE A 73 9.95 3.71 14.15
N GLY A 74 9.34 4.70 14.79
CA GLY A 74 10.13 5.71 15.48
C GLY A 74 10.94 5.08 16.60
N LYS A 75 12.11 5.66 16.87
CA LYS A 75 12.89 5.24 18.02
C LYS A 75 12.60 6.09 19.24
N SER A 76 11.81 7.14 19.08
CA SER A 76 11.39 7.98 20.20
C SER A 76 10.09 8.64 19.77
N PRO A 77 9.39 9.32 20.70
CA PRO A 77 8.09 9.90 20.34
C PRO A 77 8.22 10.98 19.27
N ILE A 78 7.12 11.21 18.57
CA ILE A 78 7.00 12.34 17.65
C ILE A 78 5.72 13.06 18.01
N THR A 79 5.66 14.34 17.67
CA THR A 79 4.47 15.14 17.95
C THR A 79 3.98 15.77 16.65
N PHE A 80 2.75 15.42 16.27
CA PHE A 80 2.07 16.05 15.16
C PHE A 80 1.48 17.35 15.71
N THR A 81 2.10 18.48 15.37
CA THR A 81 1.63 19.74 15.95
C THR A 81 0.24 20.11 15.42
N ALA A 82 0.01 19.92 14.13
CA ALA A 82 -1.30 20.14 13.53
C ALA A 82 -1.47 19.18 12.37
N VAL A 83 -2.69 18.68 12.20
CA VAL A 83 -3.06 17.80 11.09
C VAL A 83 -4.35 18.34 10.51
N ARG A 84 -4.39 18.50 9.19
CA ARG A 84 -5.60 18.98 8.54
C ARG A 84 -5.86 18.15 7.29
N VAL A 85 -7.11 18.21 6.83
CA VAL A 85 -7.55 17.51 5.63
C VAL A 85 -8.40 18.46 4.79
N ALA A 86 -8.29 18.31 3.47
CA ALA A 86 -9.10 19.09 2.56
C ALA A 86 -9.18 18.32 1.25
N LYS A 87 -10.17 18.67 0.43
CA LYS A 87 -10.21 18.16 -0.93
C LYS A 87 -9.06 18.77 -1.73
N SER A 88 -8.39 17.93 -2.52
CA SER A 88 -7.28 18.36 -3.36
C SER A 88 -7.80 18.85 -4.70
N THR A 89 -7.18 19.91 -5.21
CA THR A 89 -7.50 20.43 -6.55
C THR A 89 -6.33 20.25 -7.50
N GLY A 90 -5.42 19.32 -7.21
CA GLY A 90 -4.26 19.08 -8.03
C GLY A 90 -3.02 19.69 -7.43
N GLN A 91 -1.87 19.04 -7.69
CA GLN A 91 -0.56 19.44 -7.17
C GLN A 91 -0.71 19.62 -5.65
N SER A 92 -0.18 20.69 -5.06
CA SER A 92 -0.32 20.94 -3.63
C SER A 92 -1.55 21.78 -3.29
N ASN A 93 -2.42 22.04 -4.25
CA ASN A 93 -3.54 22.95 -4.02
C ASN A 93 -4.71 22.25 -3.35
N ILE A 94 -5.39 22.95 -2.45
CA ILE A 94 -6.58 22.43 -1.81
C ILE A 94 -7.76 23.36 -2.08
N ASP A 95 -8.96 22.80 -1.90
CA ASP A 95 -10.20 23.57 -1.87
C ASP A 95 -10.36 24.09 -0.45
N VAL A 96 -10.06 25.37 -0.24
CA VAL A 96 -9.88 25.86 1.13
C VAL A 96 -11.20 25.82 1.90
N SER A 97 -12.34 25.92 1.20
CA SER A 97 -13.61 25.85 1.92
C SER A 97 -13.86 24.46 2.51
N THR A 98 -13.15 23.42 2.06
CA THR A 98 -13.30 22.09 2.64
C THR A 98 -12.27 21.79 3.72
N ASP A 99 -11.38 22.73 4.03
CA ASP A 99 -10.29 22.47 4.97
C ASP A 99 -10.84 22.23 6.37
N LYS A 100 -10.43 21.13 6.99
CA LYS A 100 -10.88 20.76 8.31
C LYS A 100 -9.70 20.40 9.20
N SER A 101 -9.80 20.75 10.46
CA SER A 101 -8.84 20.36 11.46
C SER A 101 -9.07 18.90 11.84
N VAL A 102 -7.99 18.14 11.93
CA VAL A 102 -8.04 16.76 12.39
C VAL A 102 -7.63 16.74 13.85
N THR A 103 -8.50 16.20 14.71
CA THR A 103 -8.23 16.22 16.14
C THR A 103 -8.12 14.79 16.68
N PHE A 104 -7.44 14.67 17.81
CA PHE A 104 -7.20 13.39 18.47
C PHE A 104 -7.66 13.55 19.90
N ASN A 105 -8.74 12.85 20.26
CA ASN A 105 -9.39 13.06 21.55
C ASN A 105 -9.62 14.55 21.81
N GLY A 106 -10.09 15.26 20.78
CA GLY A 106 -10.36 16.67 20.90
C GLY A 106 -9.16 17.59 20.76
N GLN A 107 -7.94 17.07 20.74
CA GLN A 107 -6.73 17.89 20.69
C GLN A 107 -6.25 18.06 19.26
N ALA A 108 -5.78 19.26 18.94
CA ALA A 108 -5.19 19.53 17.62
C ALA A 108 -3.79 18.93 17.48
N SER A 109 -3.01 18.88 18.55
N SER A 109 -3.01 18.90 18.55
CA SER A 109 -1.69 18.26 18.52
CA SER A 109 -1.69 18.27 18.57
C SER A 109 -1.71 16.96 19.31
C SER A 109 -1.77 16.93 19.28
N VAL A 110 -0.92 15.99 18.85
CA VAL A 110 -0.87 14.67 19.49
C VAL A 110 0.55 14.14 19.43
N THR A 111 0.95 13.46 20.50
CA THR A 111 2.25 12.83 20.58
C THR A 111 2.05 11.31 20.50
N LEU A 112 2.78 10.65 19.59
CA LEU A 112 2.77 9.20 19.50
C LEU A 112 4.08 8.67 20.03
N GLU A 113 4.01 7.79 21.03
CA GLU A 113 5.22 7.12 21.51
C GLU A 113 5.79 6.25 20.38
N ALA A 114 7.09 5.96 20.50
CA ALA A 114 7.70 5.03 19.55
C ALA A 114 6.90 3.73 19.52
N GLY A 115 6.65 3.22 18.30
CA GLY A 115 6.00 1.95 18.15
C GLY A 115 4.49 1.99 18.19
N THR A 116 3.88 3.17 18.19
CA THR A 116 2.44 3.26 18.28
C THR A 116 1.87 3.93 17.03
N GLU A 117 0.57 3.72 16.83
CA GLU A 117 -0.20 4.36 15.78
C GLU A 117 -1.49 4.88 16.41
N LEU A 118 -2.20 5.78 15.73
CA LEU A 118 -3.40 6.37 16.31
C LEU A 118 -4.35 6.84 15.23
N VAL A 119 -5.62 6.47 15.38
CA VAL A 119 -6.71 6.92 14.51
C VAL A 119 -7.28 8.19 15.11
N SER A 120 -7.46 9.20 14.27
CA SER A 120 -7.99 10.47 14.73
C SER A 120 -9.48 10.38 15.08
N ASP A 121 -10.00 11.47 15.63
CA ASP A 121 -11.44 11.70 15.75
C ASP A 121 -12.07 11.77 14.36
N ALA A 122 -13.39 11.57 14.32
CA ALA A 122 -14.12 11.74 13.06
C ALA A 122 -14.07 13.19 12.60
N VAL A 123 -13.89 13.37 11.29
CA VAL A 123 -13.87 14.68 10.65
C VAL A 123 -15.12 14.79 9.79
N ASN A 124 -15.91 15.85 9.99
CA ASN A 124 -17.14 16.04 9.23
C ASN A 124 -16.80 16.66 7.88
N LEU A 125 -16.48 15.79 6.92
CA LEU A 125 -16.21 16.22 5.54
C LEU A 125 -16.74 15.12 4.64
N GLU A 126 -17.75 15.44 3.84
CA GLU A 126 -18.32 14.48 2.91
C GLU A 126 -17.40 14.34 1.70
N VAL A 127 -17.10 13.10 1.33
CA VAL A 127 -16.14 12.83 0.27
C VAL A 127 -16.72 11.78 -0.68
N ALA A 128 -16.22 11.78 -1.90
CA ALA A 128 -16.73 10.92 -2.96
C ALA A 128 -15.67 9.90 -3.38
N PRO A 129 -16.08 8.73 -3.87
CA PRO A 129 -15.09 7.73 -4.32
C PRO A 129 -14.29 8.19 -5.52
N LEU A 130 -13.04 7.71 -5.58
CA LEU A 130 -12.12 8.03 -6.67
C LEU A 130 -11.86 9.53 -6.79
N THR A 131 -11.87 10.24 -5.67
CA THR A 131 -11.42 11.63 -5.61
C THR A 131 -10.22 11.72 -4.67
N ASN A 132 -9.45 12.80 -4.80
CA ASN A 132 -8.21 12.99 -4.05
C ASN A 132 -8.40 13.95 -2.89
N ILE A 133 -7.84 13.61 -1.73
CA ILE A 133 -7.80 14.54 -0.63
C ILE A 133 -6.34 14.80 -0.26
N ALA A 134 -6.14 15.91 0.43
CA ALA A 134 -4.81 16.29 0.89
C ALA A 134 -4.81 16.18 2.41
N VAL A 135 -3.80 15.50 2.93
CA VAL A 135 -3.63 15.39 4.38
C VAL A 135 -2.32 16.07 4.71
N SER A 136 -2.40 17.15 5.49
CA SER A 136 -1.27 18.02 5.77
C SER A 136 -0.91 17.88 7.24
N MET A 137 0.38 17.68 7.52
CA MET A 137 0.88 17.55 8.88
C MET A 137 1.96 18.59 9.11
N TYR A 138 1.87 19.30 10.23
CA TYR A 138 2.88 20.28 10.64
C TYR A 138 3.67 19.71 11.80
N PHE A 139 5.00 19.70 11.66
CA PHE A 139 5.90 19.30 12.75
C PHE A 139 6.66 20.54 13.24
N SER A 140 6.30 21.03 14.42
CA SER A 140 6.93 22.26 14.91
C SER A 140 8.37 22.00 15.39
N SER A 141 8.64 20.83 15.95
CA SER A 141 9.93 20.51 16.54
C SER A 141 10.76 19.63 15.61
N PRO A 142 12.06 19.48 15.87
CA PRO A 142 12.85 18.51 15.08
C PRO A 142 12.29 17.11 15.25
N THR A 143 11.92 16.49 14.12
CA THR A 143 11.14 15.25 14.13
C THR A 143 11.78 14.29 13.16
N ALA A 144 12.35 13.20 13.68
CA ALA A 144 12.77 12.10 12.84
C ALA A 144 11.55 11.27 12.45
N MET A 145 11.42 10.96 11.16
CA MET A 145 10.28 10.23 10.63
C MET A 145 10.74 8.99 9.88
N PRO A 146 11.27 7.97 10.59
CA PRO A 146 11.59 6.71 9.91
C PRO A 146 10.37 5.90 9.48
N THR A 147 9.20 6.15 10.06
CA THR A 147 7.98 5.44 9.68
C THR A 147 7.42 6.05 8.41
N VAL A 148 7.60 5.37 7.28
CA VAL A 148 7.18 5.89 5.99
C VAL A 148 6.47 4.79 5.20
N HIS A 149 5.69 5.22 4.21
CA HIS A 149 5.45 4.40 3.03
C HIS A 149 6.42 4.90 1.98
N ALA A 150 7.47 4.11 1.72
CA ALA A 150 8.59 4.60 0.91
C ALA A 150 8.15 4.93 -0.51
N LEU A 151 7.43 4.00 -1.17
CA LEU A 151 7.10 4.15 -2.59
C LEU A 151 5.67 4.63 -2.74
N GLY A 152 5.47 5.95 -2.68
CA GLY A 152 4.12 6.48 -2.79
C GLY A 152 3.59 6.58 -4.21
N VAL A 153 4.49 6.68 -5.21
CA VAL A 153 4.15 6.91 -6.61
C VAL A 153 3.23 8.13 -6.68
N GLN A 154 3.50 9.11 -5.84
CA GLN A 154 2.62 10.25 -5.61
C GLN A 154 3.46 11.37 -5.00
N THR A 155 3.31 12.58 -5.52
CA THR A 155 4.11 13.69 -5.00
C THR A 155 3.55 14.18 -3.67
N ALA A 156 4.45 14.34 -2.69
CA ALA A 156 4.16 15.04 -1.45
C ALA A 156 4.92 16.37 -1.44
N PHE A 157 4.39 17.36 -0.71
CA PHE A 157 4.90 18.72 -0.77
C PHE A 157 5.29 19.20 0.63
N ILE A 158 6.50 19.72 0.76
CA ILE A 158 7.10 20.09 2.03
C ILE A 158 7.39 21.59 2.03
N GLY A 159 6.99 22.28 3.09
CA GLY A 159 7.25 23.70 3.21
C GLY A 159 7.51 24.12 4.65
N ALA A 160 8.10 25.30 4.79
CA ALA A 160 8.49 25.81 6.10
C ALA A 160 7.30 26.40 6.84
N GLY A 161 7.35 26.32 8.17
CA GLY A 161 6.25 26.78 8.99
C GLY A 161 5.02 25.88 8.92
N ASN A 162 3.95 26.36 9.57
CA ASN A 162 2.67 25.67 9.57
C ASN A 162 1.87 26.12 8.37
N GLN A 163 1.94 25.36 7.28
CA GLN A 163 1.18 25.60 6.07
C GLN A 163 0.01 24.62 5.92
N THR A 164 -0.44 24.00 7.02
CA THR A 164 -1.43 22.93 6.91
C THR A 164 -2.74 23.43 6.30
N ALA A 165 -3.10 24.69 6.53
CA ALA A 165 -4.33 25.25 5.98
C ALA A 165 -4.10 26.12 4.75
N ALA A 166 -2.88 26.17 4.22
CA ALA A 166 -2.58 27.03 3.09
C ALA A 166 -3.21 26.51 1.81
N THR A 167 -3.60 27.43 0.92
N THR A 167 -3.60 27.43 0.92
CA THR A 167 -4.20 27.04 -0.35
CA THR A 167 -4.21 27.06 -0.35
C THR A 167 -3.26 26.16 -1.15
C THR A 167 -3.27 26.18 -1.17
N SER A 168 -1.97 26.43 -1.08
CA SER A 168 -0.96 25.65 -1.77
C SER A 168 0.28 25.65 -0.88
N ILE A 169 1.21 24.76 -1.16
CA ILE A 169 2.44 24.69 -0.37
C ILE A 169 3.50 25.52 -1.06
N SER A 170 4.03 26.50 -0.35
CA SER A 170 5.03 27.44 -0.85
C SER A 170 6.40 26.91 -0.45
N ALA A 171 7.17 26.45 -1.44
CA ALA A 171 8.52 25.94 -1.22
C ALA A 171 9.16 25.66 -2.57
N ALA A 172 10.41 25.19 -2.53
CA ALA A 172 11.15 24.83 -3.73
C ALA A 172 10.69 23.47 -4.27
N ALA A 173 10.83 23.29 -5.59
CA ALA A 173 10.48 22.01 -6.20
C ALA A 173 11.38 20.87 -5.72
N ALA A 174 12.57 21.20 -5.18
CA ALA A 174 13.41 20.19 -4.53
C ALA A 174 12.86 19.79 -3.16
N ASP A 175 11.92 20.55 -2.60
CA ASP A 175 11.21 20.21 -1.37
C ASP A 175 9.99 19.35 -1.65
N GLN A 176 10.13 18.36 -2.53
CA GLN A 176 9.07 17.42 -2.80
C GLN A 176 9.57 16.01 -2.46
N SER A 177 8.62 15.12 -2.24
CA SER A 177 8.90 13.73 -1.90
C SER A 177 7.93 12.88 -2.70
N GLN A 178 8.21 11.58 -2.77
CA GLN A 178 7.23 10.63 -3.28
C GLN A 178 6.89 9.57 -2.24
N SER A 179 7.09 9.86 -0.97
CA SER A 179 6.76 8.96 0.13
C SER A 179 5.63 9.55 0.95
N TYR A 180 5.08 8.72 1.83
CA TYR A 180 4.14 9.16 2.86
C TYR A 180 4.83 9.04 4.21
N TYR A 181 4.68 10.07 5.04
CA TYR A 181 5.39 10.17 6.31
C TYR A 181 4.40 10.01 7.45
N GLY A 182 4.47 8.86 8.12
CA GLY A 182 3.62 8.61 9.28
C GLY A 182 2.14 8.66 9.00
N LEU A 183 1.74 8.42 7.75
CA LEU A 183 0.33 8.44 7.37
C LEU A 183 0.00 7.07 6.77
N THR A 184 -0.86 6.30 7.43
CA THR A 184 -1.05 4.89 7.07
C THR A 184 -2.49 4.50 6.71
N ALA A 185 -3.50 5.28 7.09
CA ALA A 185 -4.85 4.92 6.64
C ALA A 185 -5.77 6.12 6.63
N LEU A 186 -6.75 6.07 5.74
CA LEU A 186 -7.81 7.05 5.68
C LEU A 186 -9.10 6.23 5.68
N GLU A 187 -9.89 6.37 6.74
CA GLU A 187 -11.13 5.62 6.90
C GLU A 187 -12.31 6.56 6.69
N VAL A 188 -13.37 6.06 6.05
CA VAL A 188 -14.55 6.86 5.71
C VAL A 188 -15.81 6.12 6.14
N SER A 189 -16.78 6.86 6.68
CA SER A 189 -17.96 6.26 7.27
C SER A 189 -19.09 6.17 6.24
N SER A 190 -19.94 5.16 6.40
CA SER A 190 -21.09 4.99 5.52
C SER A 190 -22.10 4.07 6.19
N ILE A 191 -23.37 4.26 5.86
CA ILE A 191 -24.40 3.32 6.30
C ILE A 191 -24.58 2.17 5.32
N GLN A 192 -24.01 2.26 4.12
CA GLN A 192 -24.27 1.29 3.07
C GLN A 192 -23.48 0.02 3.29
N LYS A 193 -24.03 -1.10 2.82
CA LYS A 193 -23.26 -2.33 2.77
C LYS A 193 -22.02 -2.11 1.91
N THR A 194 -20.86 -2.53 2.43
CA THR A 194 -19.58 -2.16 1.85
C THR A 194 -18.61 -3.34 1.93
N ASN A 195 -17.88 -3.59 0.82
CA ASN A 195 -16.76 -4.52 0.80
C ASN A 195 -15.45 -3.74 0.76
N VAL A 196 -14.43 -4.28 1.42
CA VAL A 196 -13.09 -3.69 1.40
C VAL A 196 -12.13 -4.78 0.94
N VAL A 197 -11.54 -4.60 -0.24
CA VAL A 197 -10.58 -5.53 -0.84
C VAL A 197 -9.18 -5.03 -0.52
N VAL A 198 -8.41 -5.80 0.23
CA VAL A 198 -7.04 -5.45 0.56
C VAL A 198 -6.13 -6.15 -0.43
N THR A 199 -5.33 -5.40 -1.18
CA THR A 199 -4.30 -5.99 -2.03
C THR A 199 -2.99 -5.99 -1.26
N PHE A 200 -2.44 -7.18 -1.02
CA PHE A 200 -1.28 -7.37 -0.16
C PHE A 200 -0.13 -7.88 -1.03
N GLY A 201 1.05 -7.26 -0.94
CA GLY A 201 2.12 -7.70 -1.80
C GLY A 201 3.36 -6.83 -1.77
N ASP A 202 4.12 -6.91 -2.86
CA ASP A 202 5.42 -6.25 -2.99
C ASP A 202 5.29 -5.06 -3.95
N ALA A 203 6.35 -4.77 -4.71
CA ALA A 203 6.31 -3.60 -5.59
C ALA A 203 5.26 -3.74 -6.67
N ILE A 204 4.95 -4.97 -7.07
CA ILE A 204 3.98 -5.18 -8.13
C ILE A 204 2.58 -4.84 -7.65
N THR A 205 2.34 -4.89 -6.34
CA THR A 205 1.11 -4.35 -5.75
C THR A 205 1.24 -2.85 -5.46
N ASP A 206 2.36 -2.46 -4.85
CA ASP A 206 2.64 -1.06 -4.51
C ASP A 206 2.52 -0.15 -5.73
N GLY A 207 2.92 -0.63 -6.89
CA GLY A 207 2.80 0.11 -8.13
C GLY A 207 4.10 0.67 -8.71
N TYR A 208 5.25 0.08 -8.39
CA TYR A 208 6.52 0.57 -8.90
C TYR A 208 6.53 0.50 -10.43
N LYS A 209 6.90 1.61 -11.06
CA LYS A 209 6.96 1.88 -12.50
C LYS A 209 5.61 2.30 -13.06
N SER A 210 4.53 2.27 -12.30
CA SER A 210 3.32 2.95 -12.74
C SER A 210 3.53 4.46 -12.64
N THR A 211 2.76 5.21 -13.43
CA THR A 211 3.03 6.63 -13.61
C THR A 211 2.76 7.43 -12.34
N VAL A 212 3.73 8.22 -11.90
CA VAL A 212 3.58 9.00 -10.67
C VAL A 212 2.40 9.95 -10.78
N ASP A 213 1.63 10.07 -9.69
CA ASP A 213 0.47 10.94 -9.57
C ASP A 213 -0.67 10.57 -10.50
N ALA A 214 -0.62 9.42 -11.17
CA ALA A 214 -1.62 9.07 -12.17
C ALA A 214 -2.59 7.97 -11.73
N SER A 215 -2.46 7.45 -10.51
CA SER A 215 -3.32 6.37 -10.01
C SER A 215 -3.40 5.22 -11.02
N LYS A 216 -2.23 4.70 -11.40
CA LYS A 216 -2.13 3.60 -12.34
C LYS A 216 -1.63 2.33 -11.67
N ARG A 217 -1.52 2.30 -10.35
CA ARG A 217 -1.23 1.06 -9.65
C ARG A 217 -2.32 0.04 -9.99
N TYR A 218 -1.97 -1.25 -10.01
CA TYR A 218 -3.01 -2.23 -10.37
C TYR A 218 -4.21 -2.14 -9.43
N PRO A 219 -4.08 -1.94 -8.12
CA PRO A 219 -5.29 -1.76 -7.30
C PRO A 219 -6.11 -0.55 -7.71
N ASN A 220 -5.49 0.53 -8.19
CA ASN A 220 -6.25 1.66 -8.72
C ASN A 220 -7.06 1.23 -9.94
N GLN A 221 -6.43 0.50 -10.86
CA GLN A 221 -7.11 0.03 -12.06
C GLN A 221 -8.21 -0.96 -11.71
N LEU A 222 -7.99 -1.79 -10.69
CA LEU A 222 -9.05 -2.68 -10.22
C LEU A 222 -10.21 -1.86 -9.69
N ASP A 223 -9.91 -0.88 -8.83
CA ASP A 223 -10.91 0.07 -8.33
C ASP A 223 -11.69 0.71 -9.48
N ASP A 224 -10.98 1.16 -10.53
CA ASP A 224 -11.67 1.76 -11.66
C ASP A 224 -12.68 0.79 -12.26
N ARG A 225 -12.29 -0.48 -12.42
CA ARG A 225 -13.20 -1.48 -12.97
C ARG A 225 -14.44 -1.63 -12.09
N LEU A 226 -14.25 -1.65 -10.77
CA LEU A 226 -15.38 -1.83 -9.87
C LEU A 226 -16.36 -0.67 -10.00
N LYS A 227 -15.86 0.58 -9.96
CA LYS A 227 -16.74 1.73 -10.03
C LYS A 227 -17.44 1.81 -11.40
N THR A 228 -16.70 1.51 -12.47
CA THR A 228 -17.33 1.50 -13.79
C THR A 228 -18.48 0.50 -13.85
N ALA A 229 -18.32 -0.67 -13.23
CA ALA A 229 -19.39 -1.67 -13.17
C ALA A 229 -20.52 -1.28 -12.24
N GLY A 230 -20.42 -0.16 -11.52
CA GLY A 230 -21.47 0.27 -10.62
C GLY A 230 -21.24 -0.03 -9.15
N PHE A 231 -20.13 -0.69 -8.79
CA PHE A 231 -19.89 -1.10 -7.40
C PHE A 231 -19.10 -0.03 -6.66
N SER A 232 -19.77 1.11 -6.44
CA SER A 232 -19.12 2.20 -5.71
C SER A 232 -18.89 1.85 -4.25
N ARG A 233 -19.56 0.84 -3.70
CA ARG A 233 -19.39 0.43 -2.32
C ARG A 233 -18.46 -0.78 -2.18
N ILE A 234 -17.70 -1.12 -3.21
CA ILE A 234 -16.60 -2.08 -3.08
C ILE A 234 -15.29 -1.30 -3.18
N GLY A 235 -14.56 -1.23 -2.07
CA GLY A 235 -13.33 -0.48 -2.01
C GLY A 235 -12.12 -1.37 -2.20
N VAL A 236 -11.04 -0.77 -2.68
CA VAL A 236 -9.75 -1.43 -2.87
C VAL A 236 -8.70 -0.58 -2.17
N VAL A 237 -7.98 -1.18 -1.21
CA VAL A 237 -6.91 -0.47 -0.52
C VAL A 237 -5.61 -1.22 -0.73
N ASN A 238 -4.50 -0.47 -0.74
CA ASN A 238 -3.20 -0.97 -1.17
C ASN A 238 -2.31 -1.21 0.03
N GLN A 239 -1.96 -2.48 0.27
CA GLN A 239 -1.00 -2.83 1.31
C GLN A 239 0.24 -3.48 0.70
N GLY A 240 0.64 -2.99 -0.48
CA GLY A 240 1.91 -3.39 -1.05
C GLY A 240 3.07 -2.60 -0.47
N ILE A 241 4.24 -3.24 -0.43
CA ILE A 241 5.49 -2.58 -0.09
C ILE A 241 6.54 -3.01 -1.12
N SER A 242 7.10 -2.05 -1.84
N SER A 242 7.10 -2.04 -1.85
CA SER A 242 8.16 -2.35 -2.80
CA SER A 242 8.14 -2.35 -2.80
C SER A 242 9.32 -3.03 -2.10
C SER A 242 9.32 -3.03 -2.12
N GLY A 243 9.75 -4.17 -2.66
CA GLY A 243 10.84 -4.94 -2.08
C GLY A 243 10.45 -5.92 -0.99
N ASN A 244 9.15 -6.07 -0.70
CA ASN A 244 8.73 -6.84 0.46
C ASN A 244 8.94 -8.33 0.25
N ARG A 245 9.24 -9.04 1.35
CA ARG A 245 9.41 -10.49 1.34
C ARG A 245 8.56 -11.14 2.42
N TRP A 246 8.12 -12.38 2.15
CA TRP A 246 7.39 -13.15 3.15
C TRP A 246 8.21 -13.36 4.41
N LEU A 247 9.47 -13.77 4.26
CA LEU A 247 10.17 -14.44 5.35
C LEU A 247 11.27 -13.62 5.99
N ASN A 248 11.58 -12.44 5.48
CA ASN A 248 12.66 -11.67 6.06
C ASN A 248 12.31 -10.20 6.01
N ASP A 249 12.76 -9.46 7.03
CA ASP A 249 12.67 -8.00 6.98
C ASP A 249 13.50 -7.46 5.82
N PHE A 250 13.07 -6.31 5.31
CA PHE A 250 13.66 -5.57 4.18
C PHE A 250 13.30 -6.24 2.88
N SER A 251 12.61 -5.51 2.00
CA SER A 251 12.25 -4.11 2.24
C SER A 251 10.87 -4.03 2.93
N GLY A 252 10.79 -3.30 4.05
CA GLY A 252 9.61 -3.31 4.89
C GLY A 252 9.61 -4.52 5.81
N PRO A 253 8.74 -4.54 6.83
CA PRO A 253 8.71 -5.72 7.70
C PRO A 253 8.23 -6.93 6.91
N SER A 254 8.70 -8.10 7.32
CA SER A 254 8.36 -9.33 6.62
C SER A 254 6.85 -9.47 6.46
N GLY A 255 6.44 -10.06 5.33
CA GLY A 255 5.03 -10.32 5.10
C GLY A 255 4.38 -11.10 6.22
N THR A 256 5.10 -12.07 6.80
CA THR A 256 4.48 -12.84 7.89
C THR A 256 4.26 -11.98 9.12
N SER A 257 5.20 -11.08 9.45
CA SER A 257 5.03 -10.30 10.68
C SER A 257 4.04 -9.15 10.51
N ARG A 258 3.87 -8.64 9.29
CA ARG A 258 2.98 -7.49 9.10
C ARG A 258 1.58 -7.90 8.66
N PHE A 259 1.32 -9.20 8.50
CA PHE A 259 0.05 -9.64 7.93
C PHE A 259 -1.12 -9.27 8.83
N ASP A 260 -0.97 -9.41 10.15
CA ASP A 260 -2.03 -9.03 11.08
C ASP A 260 -2.37 -7.56 10.94
N ARG A 261 -1.35 -6.69 11.00
CA ARG A 261 -1.56 -5.24 10.94
C ARG A 261 -2.08 -4.80 9.58
N ASP A 262 -1.43 -5.27 8.50
CA ASP A 262 -1.71 -4.74 7.16
C ASP A 262 -2.82 -5.49 6.43
N VAL A 263 -3.31 -6.62 6.94
CA VAL A 263 -4.44 -7.30 6.30
C VAL A 263 -5.57 -7.51 7.30
N LEU A 264 -5.34 -8.33 8.33
CA LEU A 264 -6.43 -8.71 9.24
C LEU A 264 -7.06 -7.50 9.92
N ASN A 265 -6.25 -6.51 10.29
CA ASN A 265 -6.72 -5.38 11.08
C ASN A 265 -7.19 -4.21 10.23
N VAL A 266 -7.22 -4.34 8.90
CA VAL A 266 -7.73 -3.27 8.06
C VAL A 266 -9.22 -3.10 8.32
N THR A 267 -9.64 -1.87 8.57
CA THR A 267 -11.03 -1.60 8.96
C THR A 267 -12.01 -2.00 7.88
N GLY A 268 -12.88 -2.96 8.19
CA GLY A 268 -13.92 -3.39 7.28
C GLY A 268 -13.48 -4.38 6.21
N ILE A 269 -12.29 -4.98 6.34
CA ILE A 269 -11.83 -5.91 5.31
C ILE A 269 -12.82 -7.05 5.11
N THR A 270 -13.12 -7.35 3.86
CA THR A 270 -13.89 -8.51 3.50
C THR A 270 -13.17 -9.43 2.53
N HIS A 271 -12.19 -8.93 1.80
CA HIS A 271 -11.50 -9.68 0.77
C HIS A 271 -10.03 -9.32 0.81
N ALA A 272 -9.17 -10.30 0.50
CA ALA A 272 -7.74 -10.05 0.39
C ALA A 272 -7.21 -10.68 -0.88
N ILE A 273 -6.36 -9.95 -1.60
CA ILE A 273 -5.67 -10.46 -2.77
C ILE A 273 -4.20 -10.47 -2.43
N ILE A 274 -3.61 -11.66 -2.32
CA ILE A 274 -2.23 -11.82 -1.87
C ILE A 274 -1.35 -12.11 -3.08
N LEU A 275 -0.34 -11.25 -3.33
CA LEU A 275 0.65 -11.51 -4.37
C LEU A 275 2.03 -11.19 -3.81
N LEU A 276 2.71 -12.21 -3.30
CA LEU A 276 3.97 -11.96 -2.61
C LEU A 276 4.87 -13.18 -2.74
N GLY A 277 6.17 -12.95 -2.91
CA GLY A 277 7.12 -14.03 -2.85
C GLY A 277 8.29 -13.89 -3.80
N VAL A 278 8.14 -13.12 -4.87
CA VAL A 278 9.22 -13.07 -5.88
C VAL A 278 10.50 -12.55 -5.25
N ASN A 279 10.40 -11.63 -4.26
CA ASN A 279 11.63 -11.14 -3.65
C ASN A 279 12.26 -12.15 -2.70
N ASP A 280 11.45 -13.01 -2.07
CA ASP A 280 12.02 -14.10 -1.28
C ASP A 280 12.94 -14.94 -2.14
N LEU A 281 12.55 -15.16 -3.39
CA LEU A 281 13.36 -15.93 -4.33
C LEU A 281 14.52 -15.11 -4.88
N GLY A 282 14.26 -13.86 -5.26
CA GLY A 282 15.26 -13.04 -5.94
C GLY A 282 16.37 -12.49 -5.07
N PHE A 283 16.13 -12.31 -3.77
CA PHE A 283 17.13 -11.62 -2.95
C PHE A 283 18.33 -12.49 -2.61
N SER A 284 18.19 -13.83 -2.66
CA SER A 284 19.23 -14.67 -2.08
C SER A 284 20.48 -14.80 -2.95
N ALA A 285 20.40 -14.58 -4.27
CA ALA A 285 21.62 -14.71 -5.09
C ALA A 285 22.67 -13.67 -4.72
N TRP A 286 22.26 -12.46 -4.34
CA TRP A 286 23.23 -11.38 -4.19
C TRP A 286 22.89 -10.38 -3.09
N LEU A 287 21.65 -9.88 -3.06
CA LEU A 287 21.27 -8.88 -2.07
C LEU A 287 21.43 -9.42 -0.65
N ALA A 288 21.06 -10.68 -0.42
CA ALA A 288 21.06 -11.25 0.93
C ALA A 288 21.36 -12.74 0.82
N PRO A 289 22.63 -13.10 0.57
CA PRO A 289 22.97 -14.53 0.40
C PRO A 289 22.75 -15.37 1.64
N THR A 290 22.73 -14.77 2.83
CA THR A 290 22.45 -15.54 4.04
C THR A 290 20.96 -15.76 4.26
N GLN A 291 20.10 -15.35 3.34
CA GLN A 291 18.66 -15.42 3.54
C GLN A 291 18.00 -16.22 2.42
N THR A 292 18.65 -17.31 2.02
CA THR A 292 18.04 -18.26 1.08
C THR A 292 16.82 -18.90 1.72
N VAL A 293 15.76 -19.04 0.95
CA VAL A 293 14.54 -19.66 1.44
C VAL A 293 14.04 -20.63 0.38
N THR A 294 13.45 -21.72 0.83
CA THR A 294 12.93 -22.73 -0.10
C THR A 294 11.50 -22.38 -0.45
N ALA A 295 11.04 -22.96 -1.56
CA ALA A 295 9.63 -22.83 -1.91
C ALA A 295 8.75 -23.35 -0.77
N GLU A 296 9.22 -24.38 -0.06
CA GLU A 296 8.45 -24.97 1.03
C GLU A 296 8.26 -23.98 2.16
N GLN A 297 9.33 -23.24 2.48
CA GLN A 297 9.24 -22.23 3.53
C GLN A 297 8.30 -21.10 3.14
N VAL A 298 8.30 -20.71 1.85
CA VAL A 298 7.36 -19.70 1.39
C VAL A 298 5.94 -20.23 1.47
N ILE A 299 5.72 -21.48 1.03
N ILE A 299 5.71 -21.47 1.03
CA ILE A 299 4.39 -22.08 1.07
CA ILE A 299 4.37 -22.05 1.07
C ILE A 299 3.89 -22.15 2.51
C ILE A 299 3.87 -22.18 2.51
N ALA A 300 4.78 -22.45 3.46
CA ALA A 300 4.35 -22.56 4.85
C ALA A 300 3.91 -21.20 5.40
N ALA A 301 4.65 -20.13 5.04
CA ALA A 301 4.25 -18.78 5.44
C ALA A 301 2.91 -18.40 4.84
N MET A 302 2.72 -18.69 3.54
CA MET A 302 1.45 -18.39 2.90
C MET A 302 0.31 -19.13 3.57
N THR A 303 0.53 -20.41 3.88
CA THR A 303 -0.50 -21.24 4.49
C THR A 303 -0.98 -20.60 5.79
N THR A 304 -0.04 -20.19 6.63
CA THR A 304 -0.40 -19.65 7.94
C THR A 304 -1.16 -18.33 7.80
N ALA A 305 -0.77 -17.50 6.83
CA ALA A 305 -1.52 -16.27 6.59
C ALA A 305 -2.92 -16.59 6.09
N ILE A 306 -3.05 -17.53 5.15
CA ILE A 306 -4.36 -17.89 4.62
C ILE A 306 -5.26 -18.41 5.73
N VAL A 307 -4.74 -19.31 6.56
CA VAL A 307 -5.53 -19.86 7.67
C VAL A 307 -6.02 -18.74 8.59
N LYS A 308 -5.12 -17.82 8.96
CA LYS A 308 -5.50 -16.72 9.83
C LYS A 308 -6.62 -15.88 9.21
N ALA A 309 -6.52 -15.59 7.91
CA ALA A 309 -7.53 -14.72 7.29
C ALA A 309 -8.87 -15.45 7.15
N LYS A 310 -8.84 -16.73 6.78
CA LYS A 310 -10.08 -17.47 6.66
C LYS A 310 -10.78 -17.61 8.01
N ALA A 311 -10.00 -17.78 9.09
CA ALA A 311 -10.59 -17.82 10.43
C ALA A 311 -11.31 -16.52 10.78
N LYS A 312 -10.97 -15.41 10.14
CA LYS A 312 -11.67 -14.15 10.35
C LYS A 312 -12.83 -13.95 9.39
N GLY A 313 -13.12 -14.92 8.53
CA GLY A 313 -14.19 -14.76 7.55
C GLY A 313 -13.84 -13.92 6.34
N ILE A 314 -12.56 -13.63 6.11
CA ILE A 314 -12.10 -12.90 4.93
C ILE A 314 -12.01 -13.87 3.75
N LYS A 315 -12.51 -13.45 2.58
CA LYS A 315 -12.28 -14.21 1.35
C LYS A 315 -10.85 -13.96 0.89
N VAL A 316 -10.08 -15.03 0.69
CA VAL A 316 -8.67 -14.93 0.38
C VAL A 316 -8.43 -15.41 -1.05
N PHE A 317 -7.86 -14.55 -1.86
CA PHE A 317 -7.39 -14.91 -3.18
C PHE A 317 -5.89 -14.74 -3.23
N VAL A 318 -5.22 -15.66 -3.91
CA VAL A 318 -3.76 -15.65 -4.04
C VAL A 318 -3.41 -15.52 -5.51
N GLY A 319 -2.50 -14.60 -5.82
CA GLY A 319 -2.04 -14.44 -7.19
C GLY A 319 -0.81 -15.31 -7.46
N THR A 320 -0.74 -15.86 -8.67
CA THR A 320 0.47 -16.56 -9.05
C THR A 320 1.61 -15.56 -9.26
N ILE A 321 2.82 -16.00 -8.92
CA ILE A 321 4.00 -15.15 -9.08
C ILE A 321 4.28 -14.98 -10.57
N ILE A 322 4.38 -13.73 -11.00
CA ILE A 322 4.50 -13.32 -12.40
C ILE A 322 5.87 -13.72 -12.90
N PRO A 323 6.03 -14.13 -14.17
CA PRO A 323 7.37 -14.47 -14.67
C PRO A 323 8.33 -13.29 -14.54
N PHE A 324 9.61 -13.60 -14.32
CA PHE A 324 10.60 -12.53 -14.17
C PHE A 324 11.94 -12.92 -14.76
N LYS A 325 11.96 -13.82 -15.74
CA LYS A 325 13.22 -14.16 -16.39
C LYS A 325 13.72 -12.95 -17.16
N GLY A 326 15.00 -12.65 -17.01
CA GLY A 326 15.59 -11.43 -17.51
C GLY A 326 15.89 -10.42 -16.42
N ALA A 327 15.35 -10.60 -15.21
CA ALA A 327 15.52 -9.63 -14.13
C ALA A 327 16.87 -9.88 -13.48
N SER A 328 17.87 -9.08 -13.87
CA SER A 328 19.23 -9.12 -13.32
C SER A 328 19.76 -10.55 -13.23
N MET A 329 19.87 -11.18 -14.40
CA MET A 329 20.22 -12.60 -14.51
C MET A 329 21.46 -12.94 -13.70
N GLY A 330 21.35 -14.01 -12.91
CA GLY A 330 22.43 -14.42 -12.03
C GLY A 330 22.53 -13.65 -10.73
N TYR A 331 21.85 -12.51 -10.60
CA TYR A 331 21.89 -11.68 -9.39
C TYR A 331 20.51 -11.43 -8.77
N TYR A 332 19.44 -11.93 -9.38
CA TYR A 332 18.11 -11.88 -8.78
C TYR A 332 17.38 -13.09 -9.34
N TYR A 333 17.07 -13.07 -10.63
CA TYR A 333 16.64 -14.29 -11.30
C TYR A 333 17.79 -15.28 -11.40
N THR A 334 17.49 -16.54 -11.08
CA THR A 334 18.39 -17.68 -11.25
C THR A 334 17.54 -18.90 -11.55
N ASP A 335 18.20 -19.99 -11.95
CA ASP A 335 17.48 -21.25 -12.16
C ASP A 335 16.81 -21.73 -10.86
N ALA A 336 17.49 -21.54 -9.72
CA ALA A 336 16.90 -21.89 -8.43
C ALA A 336 15.66 -21.04 -8.14
N ALA A 337 15.74 -19.74 -8.40
CA ALA A 337 14.58 -18.87 -8.21
C ALA A 337 13.41 -19.34 -9.07
N GLU A 338 13.68 -19.72 -10.31
CA GLU A 338 12.61 -20.14 -11.22
C GLU A 338 11.98 -21.45 -10.75
N ALA A 339 12.80 -22.41 -10.30
CA ALA A 339 12.25 -23.66 -9.81
C ALA A 339 11.35 -23.43 -8.60
N LYS A 340 11.76 -22.55 -7.68
CA LYS A 340 10.91 -22.24 -6.54
C LYS A 340 9.60 -21.57 -6.99
N ARG A 341 9.70 -20.65 -7.94
CA ARG A 341 8.51 -20.00 -8.50
C ARG A 341 7.51 -21.02 -9.04
N GLN A 342 8.00 -22.03 -9.80
CA GLN A 342 7.10 -23.03 -10.38
C GLN A 342 6.44 -23.88 -9.31
N THR A 343 7.19 -24.24 -8.28
CA THR A 343 6.62 -25.00 -7.16
C THR A 343 5.55 -24.19 -6.43
N ILE A 344 5.84 -22.91 -6.15
CA ILE A 344 4.86 -22.07 -5.45
C ILE A 344 3.60 -21.91 -6.28
N ASN A 345 3.75 -21.70 -7.60
CA ASN A 345 2.58 -21.45 -8.45
C ASN A 345 1.76 -22.72 -8.63
N THR A 346 2.41 -23.88 -8.70
CA THR A 346 1.65 -25.13 -8.72
C THR A 346 0.86 -25.30 -7.42
N PHE A 347 1.47 -24.96 -6.30
CA PHE A 347 0.74 -25.02 -5.02
C PHE A 347 -0.46 -24.08 -5.05
N ILE A 348 -0.27 -22.85 -5.54
CA ILE A 348 -1.38 -21.89 -5.57
C ILE A 348 -2.49 -22.39 -6.48
N ARG A 349 -2.12 -22.84 -7.69
CA ARG A 349 -3.12 -23.25 -8.67
C ARG A 349 -3.93 -24.46 -8.21
N ASN A 350 -3.37 -25.30 -7.35
CA ASN A 350 -4.11 -26.47 -6.88
C ASN A 350 -4.61 -26.35 -5.44
N SER A 351 -4.41 -25.21 -4.79
CA SER A 351 -4.87 -25.04 -3.40
C SER A 351 -6.38 -25.09 -3.31
N LYS A 352 -6.89 -25.94 -2.42
CA LYS A 352 -8.31 -25.93 -2.09
C LYS A 352 -8.62 -25.05 -0.88
N GLU A 353 -7.59 -24.62 -0.16
CA GLU A 353 -7.78 -23.78 1.01
C GLU A 353 -8.18 -22.35 0.63
N ILE A 354 -7.60 -21.80 -0.42
CA ILE A 354 -7.90 -20.42 -0.79
C ILE A 354 -9.27 -20.34 -1.47
N ASP A 355 -9.87 -19.14 -1.47
CA ASP A 355 -11.16 -18.97 -2.13
C ASP A 355 -11.03 -18.86 -3.64
N GLY A 356 -9.84 -18.56 -4.13
CA GLY A 356 -9.67 -18.48 -5.57
C GLY A 356 -8.25 -18.11 -5.93
N VAL A 357 -7.84 -18.51 -7.10
CA VAL A 357 -6.56 -18.16 -7.69
C VAL A 357 -6.79 -17.00 -8.63
N ILE A 358 -5.92 -16.02 -8.57
CA ILE A 358 -5.85 -15.00 -9.61
C ILE A 358 -4.56 -15.26 -10.37
N ASP A 359 -4.69 -15.77 -11.59
CA ASP A 359 -3.50 -16.20 -12.32
C ASP A 359 -2.89 -15.00 -13.03
N PHE A 360 -2.25 -14.13 -12.22
CA PHE A 360 -1.52 -13.00 -12.76
C PHE A 360 -0.42 -13.45 -13.71
N ALA A 361 0.24 -14.56 -13.39
CA ALA A 361 1.31 -15.06 -14.26
C ALA A 361 0.78 -15.35 -15.65
N ASP A 362 -0.39 -16.00 -15.73
CA ASP A 362 -0.96 -16.30 -17.03
C ASP A 362 -1.39 -15.03 -17.77
N ALA A 363 -1.90 -14.04 -17.03
CA ALA A 363 -2.36 -12.82 -17.68
C ALA A 363 -1.21 -12.02 -18.26
N LEU A 364 -0.05 -12.05 -17.61
CA LEU A 364 1.07 -11.19 -17.97
C LEU A 364 2.20 -11.90 -18.71
N LYS A 365 2.17 -13.22 -18.85
CA LYS A 365 3.33 -13.89 -19.42
C LYS A 365 3.43 -13.63 -20.92
N ASN A 366 4.66 -13.70 -21.42
CA ASN A 366 4.97 -13.59 -22.85
C ASN A 366 4.45 -14.81 -23.60
N PRO A 367 3.53 -14.65 -24.55
CA PRO A 367 3.07 -15.83 -25.32
C PRO A 367 4.20 -16.52 -26.06
N ALA A 368 5.27 -15.80 -26.39
CA ALA A 368 6.43 -16.40 -27.04
C ALA A 368 7.33 -17.17 -26.08
N ASP A 369 7.31 -16.81 -24.79
CA ASP A 369 8.19 -17.42 -23.80
C ASP A 369 7.57 -17.24 -22.42
N PRO A 370 6.88 -18.27 -21.89
CA PRO A 370 6.13 -18.10 -20.64
C PRO A 370 6.98 -17.77 -19.42
N LEU A 371 8.31 -17.89 -19.50
CA LEU A 371 9.14 -17.54 -18.34
C LEU A 371 9.42 -16.05 -18.26
N THR A 372 9.02 -15.28 -19.26
CA THR A 372 9.26 -13.84 -19.28
C THR A 372 7.91 -13.11 -19.25
N ILE A 373 7.96 -11.86 -18.79
N ILE A 373 7.96 -11.86 -18.78
CA ILE A 373 6.80 -11.00 -18.88
CA ILE A 373 6.83 -10.97 -18.91
C ILE A 373 6.57 -10.59 -20.33
C ILE A 373 6.58 -10.68 -20.38
N ASN A 374 5.31 -10.54 -20.74
CA ASN A 374 4.95 -10.07 -22.07
C ASN A 374 5.62 -8.71 -22.34
N PRO A 375 6.35 -8.56 -23.44
CA PRO A 375 7.08 -7.29 -23.67
C PRO A 375 6.19 -6.06 -23.65
N ILE A 376 4.92 -6.19 -24.06
CA ILE A 376 4.02 -5.05 -24.03
C ILE A 376 3.63 -4.66 -22.61
N TYR A 377 3.89 -5.51 -21.63
CA TYR A 377 3.59 -5.23 -20.22
C TYR A 377 4.84 -4.99 -19.40
N ASP A 378 6.00 -4.97 -20.02
CA ASP A 378 7.28 -4.90 -19.32
C ASP A 378 7.72 -3.45 -19.19
N SER A 379 7.89 -2.98 -17.94
CA SER A 379 8.41 -1.64 -17.73
C SER A 379 9.82 -1.47 -18.28
N GLY A 380 10.51 -2.57 -18.54
CA GLY A 380 11.87 -2.54 -19.06
C GLY A 380 12.90 -3.24 -18.20
N ASP A 381 12.60 -3.60 -16.95
CA ASP A 381 13.55 -4.33 -16.12
C ASP A 381 13.22 -5.82 -16.01
N ALA A 382 12.23 -6.30 -16.77
CA ALA A 382 11.83 -7.70 -16.85
C ALA A 382 11.14 -8.21 -15.60
N LEU A 383 10.87 -7.33 -14.63
CA LEU A 383 10.31 -7.71 -13.34
C LEU A 383 9.04 -6.92 -13.03
N HIS A 384 9.09 -5.59 -13.20
CA HIS A 384 7.92 -4.77 -12.85
C HIS A 384 7.09 -4.45 -14.07
N PRO A 385 5.77 -4.66 -14.01
CA PRO A 385 4.91 -4.25 -15.12
C PRO A 385 4.95 -2.74 -15.35
N ASN A 386 4.50 -2.35 -16.53
CA ASN A 386 4.24 -0.94 -16.83
C ASN A 386 2.75 -0.66 -16.58
N ASP A 387 2.30 0.55 -16.92
CA ASP A 387 0.88 0.91 -16.75
C ASP A 387 -0.03 -0.10 -17.44
N ALA A 388 0.31 -0.50 -18.67
CA ALA A 388 -0.53 -1.47 -19.37
C ALA A 388 -0.52 -2.81 -18.66
N GLY A 389 0.63 -3.20 -18.12
CA GLY A 389 0.69 -4.46 -17.39
C GLY A 389 -0.17 -4.45 -16.14
N TYR A 390 -0.16 -3.32 -15.40
CA TYR A 390 -0.98 -3.20 -14.20
C TYR A 390 -2.46 -3.15 -14.56
N GLU A 391 -2.81 -2.49 -15.67
CA GLU A 391 -4.18 -2.56 -16.15
C GLU A 391 -4.58 -3.99 -16.51
N ALA A 392 -3.66 -4.74 -17.13
CA ALA A 392 -3.94 -6.12 -17.49
C ALA A 392 -4.11 -6.99 -16.25
N MET A 393 -3.32 -6.74 -15.20
CA MET A 393 -3.54 -7.42 -13.93
C MET A 393 -4.95 -7.19 -13.41
N ALA A 394 -5.39 -5.93 -13.42
CA ALA A 394 -6.73 -5.63 -12.92
C ALA A 394 -7.81 -6.27 -13.78
N ALA A 395 -7.58 -6.35 -15.10
CA ALA A 395 -8.55 -6.96 -16.00
C ALA A 395 -8.68 -8.46 -15.79
N ALA A 396 -7.64 -9.11 -15.24
CA ALA A 396 -7.63 -10.55 -15.02
C ALA A 396 -8.45 -10.97 -13.80
N ILE A 397 -8.98 -10.01 -13.04
CA ILE A 397 -9.66 -10.29 -11.78
C ILE A 397 -11.15 -10.38 -12.04
N ASP A 398 -11.76 -11.49 -11.62
CA ASP A 398 -13.19 -11.70 -11.77
C ASP A 398 -13.93 -10.84 -10.75
N LEU A 399 -14.63 -9.80 -11.21
CA LEU A 399 -15.30 -8.90 -10.27
C LEU A 399 -16.37 -9.62 -9.44
N SER A 400 -16.90 -10.73 -9.93
CA SER A 400 -17.90 -11.46 -9.17
C SER A 400 -17.32 -12.08 -7.89
N LYS A 401 -16.02 -12.37 -7.84
CA LYS A 401 -15.45 -12.91 -6.60
C LYS A 401 -15.18 -11.82 -5.55
N LEU A 402 -15.30 -10.53 -5.90
CA LEU A 402 -15.14 -9.46 -4.92
C LEU A 402 -16.49 -9.02 -4.33
N GLN A 403 -17.56 -9.73 -4.66
CA GLN A 403 -18.88 -9.43 -4.12
C GLN A 403 -19.03 -9.95 -2.69
CL CL B . -7.30 -16.14 -12.94
C4 A1EGH C . 24.16 -6.38 -9.84
C5 A1EGH C . 23.09 -6.30 -8.74
C6 A1EGH C . 21.73 -6.01 -9.35
C7 A1EGH C . 20.65 -6.05 -8.25
C8 A1EGH C . 19.28 -5.76 -8.87
C10 A1EGH C . 16.81 -5.60 -8.45
C13 A1EGH C . 14.86 -5.08 -5.25
C15 A1EGH C . 15.49 -5.91 -10.42
C17 A1EGH C . 29.13 -7.08 -10.22
C1 A1EGH C . 27.91 -6.94 -9.31
C11 A1EGH C . 15.70 -5.79 -7.42
C12 A1EGH C . 15.93 -4.81 -6.28
C14 A1EGH C . 13.50 -4.89 -5.92
C16 A1EGH C . 15.35 -6.62 -11.77
C2 A1EGH C . 26.66 -6.77 -10.14
C3 A1EGH C . 25.49 -6.62 -9.14
C9 A1EGH C . 18.18 -5.89 -7.82
O1 A1EGH C . 16.59 -6.30 -9.69
O2 A1EGH C . 19.27 -4.44 -9.43
O3 A1EGH C . 21.46 -6.96 -10.35
O4 A1EGH C . 24.19 -5.18 -10.59
O5 A1EGH C . 26.77 -5.63 -10.97
O6 A1EGH C . 15.73 -3.50 -6.81
O7 A1EGH C . 14.67 -5.05 -10.08
O8 A1EGH C . 12.49 -5.16 -4.94
O9 A1EGH C . 30.28 -7.21 -9.37
C ACT D . 9.46 -5.92 -6.06
O ACT D . 9.03 -5.86 -4.86
OXT ACT D . 10.25 -5.13 -6.64
CH3 ACT D . 8.95 -7.09 -6.93
P PO4 E . -21.00 7.05 -1.48
O1 PO4 E . -20.64 6.07 -2.58
O2 PO4 E . -22.40 7.57 -1.72
O3 PO4 E . -20.94 6.40 -0.10
O4 PO4 E . -20.01 8.21 -1.46
P PO4 F . -19.92 -9.75 1.63
O1 PO4 F . -19.73 -11.25 1.68
O2 PO4 F . -21.04 -9.36 0.67
O3 PO4 F . -20.25 -9.22 3.00
O4 PO4 F . -18.59 -9.15 1.20
#